data_6ION
#
_entry.id   6ION
#
_cell.length_a   51.860
_cell.length_b   63.960
_cell.length_c   107.710
_cell.angle_alpha   90.00
_cell.angle_beta   96.10
_cell.angle_gamma   90.00
#
_symmetry.space_group_name_H-M   'P 1 21 1'
#
loop_
_entity.id
_entity.type
_entity.pdbx_description
1 polymer 'anti-C4.4A antibody 11H10, light chain'
2 polymer 'anti-C4.4A antibody 11H10, heavy chain'
3 polymer 'Ly6/PLAUR domain-containing protein 3'
4 branched 2-acetamido-2-deoxy-beta-D-glucopyranose-(1-4)-2-acetamido-2-deoxy-beta-D-glucopyranose
5 non-polymer 2-acetamido-2-deoxy-beta-D-glucopyranose
#
loop_
_entity_poly.entity_id
_entity_poly.type
_entity_poly.pdbx_seq_one_letter_code
_entity_poly.pdbx_strand_id
1 'polypeptide(L)'
;DILMTQSPAILSVSPGEGVSFSCWANQNIGTSIHWYQQRTNGSPRLLIKYASESISGIPSRFSGSGSGTDFTLSINSVES
EDIADYYCQQSNSWPIFTFGSGTKLEIKRADAAPTVSIFPPSSEQLTSGGASVVCFLNNFYPKDINVKWKIDGSERQNGV
LNSWTDQDSKDSTYSMSSTLTLTKDEYERHNSYTCEATHKTSTSPIVKSFNRNEC
;
L
2 'polypeptide(L)'
;QVTLKESGPGILQPSQTLSLTCSFSGFSLNSFGTGVGWIRQPSGKGLEWLAHIWWNDYKYYNAALESRLTISKDTSNNQV
FLKIASVDTADTATYYCARLRLRYFDYWGQGTTLTVSSAKTTPPSVYPLAPGSAAQTNSMVTLGCLVKGYFPEPVTVTWN
SGSLSSGVHTFPAVLQSDLYTLSSSVTVPSSTWPSETVTCNVAHPASSTKVDKKIVPRDC
;
H
3 'polypeptide(L)'
;LECYSCVQKADDGCSPNKMKTVKCAPGVDVCTEAVGAVETIHGQFSLAVRGCGSGLPGKNDRGLDLHGLLAFIQLQQCAQ
DRCNAKLNLTSRALDPAGNESAYPPNGVECYSCVGLSREACQGTSPPVVSCYNASDHVYKGCFDGNVTLTAANVTVSLPV
RGCVQDEFCTRDGVTGPGFTLSGSCCQGSRCNSDLRNKTYF
;
A
#
loop_
_chem_comp.id
_chem_comp.type
_chem_comp.name
_chem_comp.formula
NAG D-saccharide, beta linking 2-acetamido-2-deoxy-beta-D-glucopyranose 'C8 H15 N O6'
#
# COMPACT_ATOMS: atom_id res chain seq x y z
N ILE A 2 15.88 6.23 2.75
CA ILE A 2 15.81 5.97 1.33
C ILE A 2 14.60 6.50 0.54
N LEU A 3 14.90 7.38 -0.42
CA LEU A 3 13.92 8.00 -1.31
C LEU A 3 13.79 7.27 -2.64
N MET A 4 12.55 7.00 -3.07
CA MET A 4 12.33 6.34 -4.36
C MET A 4 11.43 7.13 -5.28
N THR A 5 11.96 7.46 -6.44
CA THR A 5 11.33 8.31 -7.43
C THR A 5 11.02 7.51 -8.67
N GLN A 6 9.76 7.44 -9.04
CA GLN A 6 9.51 6.70 -10.27
C GLN A 6 9.43 7.69 -11.41
N SER A 7 9.81 7.23 -12.59
CA SER A 7 9.66 8.10 -13.74
C SER A 7 9.40 7.25 -14.96
N PRO A 8 8.73 7.82 -15.97
CA PRO A 8 7.80 8.92 -15.69
C PRO A 8 6.62 8.54 -14.79
N ALA A 9 5.84 9.55 -14.39
CA ALA A 9 4.57 9.29 -13.72
C ALA A 9 3.55 8.69 -14.68
N ILE A 10 3.45 9.22 -15.89
CA ILE A 10 2.52 8.75 -16.91
C ILE A 10 3.37 8.41 -18.12
N LEU A 11 3.08 7.28 -18.75
CA LEU A 11 3.92 6.73 -19.82
C LEU A 11 2.97 6.34 -20.96
N SER A 12 2.60 7.26 -21.82
CA SER A 12 1.71 7.01 -22.96
C SER A 12 2.40 6.17 -24.03
N VAL A 13 1.78 5.03 -24.34
CA VAL A 13 2.40 4.05 -25.22
C VAL A 13 1.35 3.40 -26.10
N SER A 14 1.79 2.97 -27.35
CA SER A 14 0.96 2.25 -28.29
C SER A 14 1.07 0.75 -28.02
N PRO A 15 0.04 -0.08 -28.28
CA PRO A 15 0.25 -1.54 -28.23
C PRO A 15 1.40 -2.03 -29.13
N GLY A 16 2.22 -2.96 -28.60
CA GLY A 16 3.33 -3.52 -29.34
C GLY A 16 4.68 -2.87 -29.16
N GLU A 17 4.77 -1.69 -28.56
CA GLU A 17 6.06 -1.07 -28.28
C GLU A 17 6.81 -1.68 -27.09
N GLY A 18 8.12 -1.44 -27.09
CA GLY A 18 9.00 -1.83 -26.00
C GLY A 18 9.17 -0.65 -25.07
N VAL A 19 8.48 -0.73 -23.95
CA VAL A 19 8.41 0.30 -22.93
C VAL A 19 9.32 0.03 -21.75
N SER A 20 9.74 1.12 -21.07
CA SER A 20 10.66 1.00 -19.92
C SER A 20 10.25 1.99 -18.83
N PHE A 21 10.24 1.50 -17.59
CA PHE A 21 9.86 2.25 -16.40
C PHE A 21 11.09 2.44 -15.53
N SER A 22 11.32 3.62 -15.06
CA SER A 22 12.49 3.87 -14.27
C SER A 22 12.09 3.99 -12.80
N CYS A 23 12.95 3.51 -11.91
CA CYS A 23 12.77 3.69 -10.47
C CYS A 23 14.17 3.98 -9.96
N TRP A 24 14.30 5.17 -9.37
CA TRP A 24 15.57 5.70 -8.92
C TRP A 24 15.62 5.81 -7.41
N ALA A 25 16.71 5.33 -6.83
CA ALA A 25 16.98 5.43 -5.41
C ALA A 25 17.96 6.58 -5.20
N ASN A 26 17.76 7.36 -4.15
CA ASN A 26 18.73 8.39 -3.77
C ASN A 26 20.08 7.78 -3.37
N GLN A 27 20.04 6.61 -2.75
CA GLN A 27 21.13 5.81 -2.23
C GLN A 27 21.30 4.49 -2.98
N ASN A 28 22.41 3.83 -2.66
CA ASN A 28 22.70 2.50 -3.20
C ASN A 28 21.94 1.45 -2.41
N ILE A 29 21.10 0.69 -3.10
CA ILE A 29 20.22 -0.26 -2.43
C ILE A 29 20.48 -1.65 -2.95
N GLY A 30 21.65 -1.83 -3.56
CA GLY A 30 22.01 -3.11 -4.11
C GLY A 30 21.05 -3.58 -5.17
N THR A 31 20.37 -4.69 -4.87
CA THR A 31 19.38 -5.27 -5.77
C THR A 31 18.03 -5.39 -5.09
N SER A 32 17.86 -4.73 -3.95
CA SER A 32 16.68 -4.80 -3.10
C SER A 32 15.48 -4.01 -3.64
N ILE A 33 15.01 -4.33 -4.83
CA ILE A 33 13.91 -3.60 -5.46
C ILE A 33 12.93 -4.62 -5.97
N HIS A 34 11.63 -4.36 -5.87
CA HIS A 34 10.65 -5.32 -6.38
C HIS A 34 9.60 -4.54 -7.16
N TRP A 35 8.96 -5.17 -8.14
CA TRP A 35 8.00 -4.47 -8.98
C TRP A 35 6.61 -5.09 -8.91
N TYR A 36 5.61 -4.22 -8.77
CA TYR A 36 4.22 -4.64 -8.65
C TYR A 36 3.40 -4.05 -9.77
N GLN A 37 2.43 -4.82 -10.25
CA GLN A 37 1.43 -4.37 -11.20
C GLN A 37 0.09 -4.27 -10.50
N GLN A 38 -0.59 -3.14 -10.66
CA GLN A 38 -1.96 -2.96 -10.19
C GLN A 38 -2.80 -2.55 -11.38
N ARG A 39 -3.64 -3.47 -11.85
CA ARG A 39 -4.61 -3.03 -12.83
C ARG A 39 -5.72 -2.28 -12.10
N THR A 40 -6.39 -1.36 -12.81
CA THR A 40 -7.48 -0.60 -12.20
C THR A 40 -8.54 -1.51 -11.59
N ASN A 41 -8.93 -1.19 -10.36
CA ASN A 41 -9.87 -1.98 -9.55
C ASN A 41 -9.33 -3.34 -9.14
N GLY A 42 -8.02 -3.53 -9.20
CA GLY A 42 -7.43 -4.83 -8.94
C GLY A 42 -6.37 -4.66 -7.86
N SER A 43 -6.00 -5.77 -7.29
CA SER A 43 -4.96 -5.81 -6.29
C SER A 43 -3.58 -5.68 -6.92
N PRO A 44 -2.62 -5.13 -6.20
CA PRO A 44 -1.22 -5.24 -6.64
C PRO A 44 -0.80 -6.68 -6.85
N ARG A 45 -0.01 -6.90 -7.90
CA ARG A 45 0.49 -8.20 -8.32
C ARG A 45 2.01 -8.13 -8.44
N LEU A 46 2.74 -8.98 -7.69
CA LEU A 46 4.20 -9.02 -7.82
C LEU A 46 4.65 -9.47 -9.20
N LEU A 47 5.45 -8.61 -9.87
CA LEU A 47 6.01 -8.87 -11.20
C LEU A 47 7.46 -9.33 -11.17
N ILE A 48 8.32 -8.52 -10.56
CA ILE A 48 9.77 -8.71 -10.58
C ILE A 48 10.30 -8.70 -9.15
N LYS A 49 11.23 -9.60 -8.90
CA LYS A 49 11.78 -9.83 -7.59
C LYS A 49 13.26 -9.49 -7.68
N TYR A 50 13.78 -8.83 -6.65
CA TYR A 50 15.20 -8.50 -6.56
C TYR A 50 15.78 -7.88 -7.84
N ALA A 51 15.13 -6.79 -8.32
CA ALA A 51 15.61 -6.11 -9.53
C ALA A 51 15.20 -6.82 -10.82
N SER A 52 15.53 -8.11 -10.94
CA SER A 52 15.48 -8.78 -12.23
C SER A 52 15.00 -10.22 -12.19
N GLU A 53 14.78 -10.82 -11.02
CA GLU A 53 14.26 -12.17 -10.98
C GLU A 53 12.78 -12.25 -11.41
N SER A 54 12.45 -13.20 -12.30
CA SER A 54 11.09 -13.30 -12.82
C SER A 54 10.23 -14.08 -11.84
N ILE A 55 8.94 -13.73 -11.78
CA ILE A 55 8.00 -14.44 -10.92
C ILE A 55 7.25 -15.50 -11.75
N SER A 56 7.04 -16.67 -11.15
CA SER A 56 6.22 -17.71 -11.79
C SER A 56 4.79 -17.27 -12.04
N GLY A 57 4.30 -17.57 -13.25
CA GLY A 57 2.98 -17.17 -13.65
C GLY A 57 2.86 -15.76 -14.18
N ILE A 58 3.99 -15.06 -14.35
CA ILE A 58 4.01 -13.73 -14.95
C ILE A 58 4.37 -13.90 -16.43
N PRO A 59 3.67 -13.20 -17.32
CA PRO A 59 4.09 -13.16 -18.73
C PRO A 59 5.57 -12.81 -18.92
N SER A 60 6.13 -13.43 -19.94
CA SER A 60 7.55 -13.33 -20.25
C SER A 60 7.92 -11.95 -20.79
N ARG A 61 6.93 -11.16 -21.23
CA ARG A 61 7.18 -9.80 -21.69
C ARG A 61 7.65 -8.85 -20.59
N PHE A 62 7.34 -9.13 -19.34
CA PHE A 62 7.80 -8.29 -18.24
C PHE A 62 9.19 -8.69 -17.78
N SER A 63 10.14 -7.78 -17.92
CA SER A 63 11.50 -8.00 -17.43
C SER A 63 12.01 -6.75 -16.74
N GLY A 64 12.94 -6.93 -15.80
CA GLY A 64 13.50 -5.83 -15.06
C GLY A 64 15.01 -5.91 -15.05
N SER A 65 15.64 -4.79 -14.69
CA SER A 65 17.10 -4.77 -14.64
C SER A 65 17.56 -3.63 -13.74
N GLY A 66 18.84 -3.64 -13.48
CA GLY A 66 19.50 -2.59 -12.75
C GLY A 66 20.01 -3.10 -11.41
N SER A 67 20.93 -2.34 -10.87
CA SER A 67 21.59 -2.58 -9.61
C SER A 67 22.12 -1.22 -9.14
N GLY A 68 22.16 -1.03 -7.84
CA GLY A 68 22.70 0.15 -7.19
C GLY A 68 21.66 1.23 -6.99
N THR A 69 21.53 2.18 -7.91
CA THR A 69 20.62 3.29 -7.70
C THR A 69 19.47 3.29 -8.69
N ASP A 70 19.75 3.01 -9.95
CA ASP A 70 18.76 3.01 -11.05
C ASP A 70 18.29 1.61 -11.37
N PHE A 71 16.97 1.49 -11.56
CA PHE A 71 16.32 0.22 -11.83
C PHE A 71 15.22 0.45 -12.87
N THR A 72 14.99 -0.56 -13.71
CA THR A 72 14.12 -0.44 -14.85
C THR A 72 13.22 -1.67 -14.99
N LEU A 73 11.95 -1.42 -15.31
CA LEU A 73 11.03 -2.49 -15.70
C LEU A 73 10.66 -2.29 -17.15
N SER A 74 10.71 -3.36 -17.92
CA SER A 74 10.51 -3.27 -19.36
C SER A 74 9.46 -4.28 -19.80
N ILE A 75 8.66 -3.89 -20.77
CA ILE A 75 7.69 -4.79 -21.39
C ILE A 75 8.10 -4.98 -22.85
N ASN A 76 8.48 -6.22 -23.22
CA ASN A 76 8.94 -6.47 -24.58
C ASN A 76 7.88 -6.16 -25.62
N SER A 77 6.65 -6.62 -25.41
CA SER A 77 5.54 -6.31 -26.32
C SER A 77 4.34 -5.98 -25.45
N VAL A 78 3.93 -4.72 -25.46
CA VAL A 78 2.77 -4.31 -24.69
C VAL A 78 1.48 -4.87 -25.28
N GLU A 79 0.67 -5.45 -24.40
CA GLU A 79 -0.65 -5.97 -24.68
C GLU A 79 -1.68 -5.05 -24.04
N SER A 80 -2.95 -5.23 -24.41
CA SER A 80 -4.00 -4.35 -23.91
C SER A 80 -4.18 -4.46 -22.39
N GLU A 81 -4.06 -5.65 -21.83
CA GLU A 81 -4.18 -5.76 -20.39
C GLU A 81 -2.92 -5.39 -19.62
N ASP A 82 -1.91 -4.79 -20.26
CA ASP A 82 -0.81 -4.27 -19.45
C ASP A 82 -0.98 -2.83 -19.01
N ILE A 83 -2.05 -2.13 -19.43
CA ILE A 83 -2.46 -0.83 -18.89
C ILE A 83 -2.69 -0.96 -17.38
N ALA A 84 -1.82 -0.33 -16.60
CA ALA A 84 -1.86 -0.50 -15.16
C ALA A 84 -0.92 0.51 -14.54
N ASP A 85 -0.99 0.57 -13.21
CA ASP A 85 0.01 1.20 -12.37
C ASP A 85 1.09 0.21 -12.02
N TYR A 86 2.32 0.69 -11.98
CA TYR A 86 3.48 -0.11 -11.67
C TYR A 86 4.22 0.54 -10.53
N TYR A 87 4.44 -0.21 -9.47
CA TYR A 87 5.06 0.31 -8.26
C TYR A 87 6.33 -0.48 -7.99
N CYS A 88 7.40 0.21 -7.60
CA CYS A 88 8.57 -0.45 -7.04
C CYS A 88 8.52 -0.38 -5.52
N GLN A 89 9.20 -1.32 -4.87
CA GLN A 89 9.31 -1.27 -3.42
C GLN A 89 10.72 -1.69 -3.11
N GLN A 90 11.32 -1.02 -2.13
CA GLN A 90 12.64 -1.35 -1.66
C GLN A 90 12.60 -2.18 -0.41
N SER A 91 13.61 -3.05 -0.30
CA SER A 91 13.73 -3.93 0.85
C SER A 91 15.09 -3.69 1.48
N ASN A 92 15.68 -2.55 1.15
CA ASN A 92 17.04 -2.24 1.54
C ASN A 92 17.12 -1.92 3.01
N SER A 93 15.99 -1.65 3.62
CA SER A 93 16.02 -1.18 4.99
C SER A 93 15.04 -1.99 5.78
N TRP A 94 15.06 -3.30 5.43
CA TRP A 94 14.40 -4.40 6.06
C TRP A 94 14.52 -4.25 7.56
N PRO A 95 13.43 -4.22 8.34
CA PRO A 95 12.07 -4.66 8.00
C PRO A 95 11.10 -3.51 7.56
N ILE A 96 11.68 -2.33 7.36
CA ILE A 96 11.03 -1.10 6.88
C ILE A 96 10.92 -1.19 5.37
N PHE A 97 9.70 -1.21 4.84
CA PHE A 97 9.50 -1.25 3.40
C PHE A 97 8.87 0.03 2.90
N THR A 98 9.33 0.49 1.74
CA THR A 98 8.87 1.72 1.13
C THR A 98 8.54 1.50 -0.35
N PHE A 99 7.46 2.13 -0.84
CA PHE A 99 7.02 1.99 -2.22
C PHE A 99 7.28 3.26 -3.00
N GLY A 100 7.41 3.12 -4.31
CA GLY A 100 7.42 4.29 -5.15
C GLY A 100 6.07 4.95 -5.30
N SER A 101 6.11 6.11 -5.96
CA SER A 101 4.93 6.88 -6.29
C SER A 101 4.10 6.22 -7.38
N GLY A 102 4.71 5.36 -8.19
CA GLY A 102 3.90 4.70 -9.19
C GLY A 102 4.11 5.27 -10.59
N THR A 103 3.93 4.42 -11.60
CA THR A 103 3.98 4.80 -13.00
C THR A 103 2.71 4.24 -13.57
N LYS A 104 1.92 5.09 -14.18
CA LYS A 104 0.64 4.71 -14.75
C LYS A 104 0.86 4.56 -16.26
N LEU A 105 0.60 3.38 -16.77
CA LEU A 105 0.81 3.13 -18.18
C LEU A 105 -0.52 3.45 -18.89
N GLU A 106 -0.47 4.41 -19.80
CA GLU A 106 -1.48 4.99 -20.68
C GLU A 106 -1.31 4.54 -22.13
N ILE A 107 -2.41 4.56 -22.90
CA ILE A 107 -2.39 4.14 -24.29
C ILE A 107 -2.39 5.44 -25.10
N LYS A 108 -1.48 5.50 -26.07
CA LYS A 108 -1.50 6.57 -27.05
C LYS A 108 -2.57 6.39 -28.12
N ARG A 109 -3.04 7.53 -28.60
CA ARG A 109 -4.15 7.66 -29.52
C ARG A 109 -3.90 8.99 -30.22
N ALA A 110 -4.57 9.22 -31.35
CA ALA A 110 -4.60 10.57 -31.92
C ALA A 110 -5.34 11.54 -31.02
N ASP A 111 -4.76 12.73 -30.87
CA ASP A 111 -5.42 13.81 -30.13
C ASP A 111 -6.83 13.99 -30.67
N ALA A 112 -7.77 14.25 -29.78
CA ALA A 112 -9.17 14.42 -30.14
C ALA A 112 -9.85 15.47 -29.28
N ALA A 113 -10.57 16.36 -29.91
CA ALA A 113 -11.23 17.46 -29.23
C ALA A 113 -12.50 16.93 -28.54
N PRO A 114 -12.88 17.49 -27.40
CA PRO A 114 -14.06 16.96 -26.70
C PRO A 114 -15.35 17.42 -27.32
N THR A 115 -16.34 16.53 -27.26
CA THR A 115 -17.74 16.87 -27.55
C THR A 115 -18.33 17.36 -26.23
N VAL A 116 -18.51 18.67 -26.12
CA VAL A 116 -19.05 19.35 -24.94
C VAL A 116 -20.57 19.47 -24.99
N SER A 117 -21.23 19.07 -23.90
CA SER A 117 -22.70 19.15 -23.82
C SER A 117 -23.14 19.66 -22.44
N ILE A 118 -23.91 20.80 -22.43
CA ILE A 118 -24.44 21.42 -21.22
C ILE A 118 -25.92 21.07 -21.01
N PHE A 119 -26.33 20.97 -19.74
CA PHE A 119 -27.70 20.60 -19.32
C PHE A 119 -28.25 21.52 -18.24
N PRO A 120 -29.46 22.03 -18.40
CA PRO A 120 -30.16 22.73 -17.32
C PRO A 120 -30.45 21.83 -16.13
N PRO A 121 -30.67 22.41 -14.95
CA PRO A 121 -31.41 21.74 -13.86
C PRO A 121 -32.74 21.08 -14.26
N SER A 122 -32.97 19.90 -13.70
CA SER A 122 -34.23 19.19 -13.88
C SER A 122 -35.38 19.87 -13.14
N SER A 123 -36.60 19.56 -13.58
CA SER A 123 -37.79 20.07 -12.90
C SER A 123 -37.93 19.51 -11.48
N GLU A 124 -37.62 18.23 -11.29
CA GLU A 124 -37.53 17.61 -9.97
C GLU A 124 -36.57 18.32 -9.03
N GLN A 125 -35.37 18.63 -9.51
CA GLN A 125 -34.40 19.29 -8.63
C GLN A 125 -34.84 20.68 -8.21
N LEU A 126 -35.39 21.46 -9.13
CA LEU A 126 -35.90 22.79 -8.81
C LEU A 126 -37.01 22.76 -7.75
N THR A 127 -37.86 21.72 -7.75
CA THR A 127 -38.84 21.57 -6.67
C THR A 127 -38.14 21.41 -5.32
N SER A 128 -37.04 20.64 -5.27
CA SER A 128 -36.34 20.36 -4.02
C SER A 128 -35.60 21.58 -3.47
N GLY A 129 -35.34 22.58 -4.31
CA GLY A 129 -34.62 23.76 -3.91
C GLY A 129 -33.15 23.85 -4.31
N GLY A 130 -32.72 23.05 -5.28
CA GLY A 130 -31.36 23.10 -5.78
C GLY A 130 -31.37 23.34 -7.28
N ALA A 131 -30.20 23.67 -7.82
CA ALA A 131 -30.10 23.90 -9.26
C ALA A 131 -28.67 23.59 -9.71
N SER A 132 -28.45 22.39 -10.21
CA SER A 132 -27.13 21.94 -10.65
C SER A 132 -27.09 21.95 -12.16
N VAL A 133 -26.08 22.63 -12.71
CA VAL A 133 -25.90 22.73 -14.15
C VAL A 133 -24.69 21.86 -14.48
N VAL A 134 -24.94 20.83 -15.26
CA VAL A 134 -23.94 19.84 -15.64
C VAL A 134 -23.34 20.23 -16.97
N CYS A 135 -22.04 19.99 -17.13
CA CYS A 135 -21.39 20.01 -18.43
C CYS A 135 -20.54 18.75 -18.59
N PHE A 136 -20.80 17.99 -19.66
CA PHE A 136 -20.00 16.84 -20.03
C PHE A 136 -19.02 17.19 -21.14
N LEU A 137 -17.82 16.64 -21.04
CA LEU A 137 -16.81 16.79 -22.06
C LEU A 137 -16.33 15.38 -22.34
N ASN A 138 -16.75 14.83 -23.48
CA ASN A 138 -16.59 13.42 -23.70
C ASN A 138 -15.60 13.16 -24.85
N ASN A 139 -14.84 12.08 -24.70
CA ASN A 139 -14.06 11.49 -25.78
C ASN A 139 -12.92 12.40 -26.30
N PHE A 140 -12.02 12.81 -25.41
CA PHE A 140 -10.95 13.72 -25.81
C PHE A 140 -9.61 13.11 -25.41
N TYR A 141 -8.52 13.60 -26.03
CA TYR A 141 -7.15 13.25 -25.63
C TYR A 141 -6.27 14.45 -25.95
N PRO A 142 -5.24 14.75 -25.11
CA PRO A 142 -4.91 14.18 -23.79
C PRO A 142 -5.80 14.53 -22.62
N LYS A 143 -5.49 13.89 -21.49
CA LYS A 143 -6.26 14.09 -20.26
C LYS A 143 -6.26 15.54 -19.78
N ASP A 144 -5.15 16.28 -19.94
CA ASP A 144 -5.10 17.69 -19.53
C ASP A 144 -6.14 18.56 -20.25
N ILE A 145 -7.04 19.14 -19.45
CA ILE A 145 -8.16 19.97 -19.90
C ILE A 145 -8.52 20.94 -18.78
N ASN A 146 -8.97 22.15 -19.17
CA ASN A 146 -9.40 23.17 -18.19
C ASN A 146 -10.81 23.67 -18.53
N VAL A 147 -11.74 23.53 -17.58
CA VAL A 147 -13.12 24.02 -17.69
C VAL A 147 -13.26 25.37 -16.99
N LYS A 148 -13.81 26.37 -17.69
CA LYS A 148 -14.03 27.69 -17.11
C LYS A 148 -15.51 28.03 -17.18
N TRP A 149 -16.15 28.22 -16.01
CA TRP A 149 -17.56 28.59 -15.93
C TRP A 149 -17.79 30.11 -15.97
N LYS A 150 -18.71 30.53 -16.84
CA LYS A 150 -19.12 31.93 -16.97
C LYS A 150 -20.64 32.09 -16.94
N ILE A 151 -21.15 32.96 -16.09
CA ILE A 151 -22.59 33.27 -16.03
C ILE A 151 -22.78 34.73 -16.42
N ASP A 152 -23.53 34.92 -17.50
CA ASP A 152 -23.79 36.24 -18.08
C ASP A 152 -22.48 37.01 -18.24
N GLY A 153 -21.42 36.30 -18.64
CA GLY A 153 -20.10 36.87 -18.83
C GLY A 153 -19.15 36.77 -17.65
N SER A 154 -19.68 37.00 -16.45
CA SER A 154 -18.89 36.91 -15.23
C SER A 154 -18.49 35.47 -14.95
N GLU A 155 -17.23 35.29 -14.57
CA GLU A 155 -16.74 33.98 -14.16
C GLU A 155 -17.39 33.59 -12.82
N ARG A 156 -17.52 32.27 -12.62
CA ARG A 156 -18.10 31.68 -11.43
C ARG A 156 -17.10 30.86 -10.66
N GLN A 157 -16.64 31.41 -9.56
CA GLN A 157 -15.61 30.78 -8.75
C GLN A 157 -16.13 29.59 -7.96
N ASN A 158 -17.20 29.78 -7.19
CA ASN A 158 -17.68 28.76 -6.26
C ASN A 158 -18.81 27.90 -6.82
N GLY A 159 -19.00 26.75 -6.19
CA GLY A 159 -20.07 25.85 -6.52
C GLY A 159 -19.80 24.90 -7.67
N VAL A 160 -18.53 24.64 -7.98
CA VAL A 160 -18.14 23.81 -9.12
C VAL A 160 -17.45 22.54 -8.65
N LEU A 161 -17.94 21.39 -9.12
CA LEU A 161 -17.37 20.06 -8.85
C LEU A 161 -17.09 19.34 -10.16
N ASN A 162 -15.88 18.78 -10.26
CA ASN A 162 -15.37 18.17 -11.48
C ASN A 162 -15.01 16.70 -11.21
N SER A 163 -15.13 15.86 -12.23
CA SER A 163 -14.71 14.45 -12.13
C SER A 163 -14.18 13.97 -13.48
N TRP A 164 -12.93 13.44 -13.50
CA TRP A 164 -12.38 12.81 -14.70
C TRP A 164 -12.59 11.30 -14.71
N THR A 165 -12.91 10.74 -15.88
CA THR A 165 -12.88 9.29 -16.04
C THR A 165 -11.46 8.74 -16.16
N ASP A 166 -11.36 7.43 -15.92
CA ASP A 166 -10.27 6.57 -16.35
C ASP A 166 -10.22 6.61 -17.88
N GLN A 167 -9.07 6.28 -18.45
CA GLN A 167 -9.01 6.11 -19.90
C GLN A 167 -9.97 5.04 -20.41
N ASP A 168 -10.74 5.40 -21.45
CA ASP A 168 -11.71 4.48 -22.04
C ASP A 168 -11.05 3.21 -22.57
N SER A 169 -11.77 2.09 -22.39
CA SER A 169 -11.32 0.80 -22.90
C SER A 169 -11.34 0.68 -24.42
N LYS A 170 -12.32 1.29 -25.10
CA LYS A 170 -12.42 1.12 -26.55
C LYS A 170 -11.66 2.17 -27.37
N ASP A 171 -11.90 3.46 -27.13
CA ASP A 171 -11.36 4.52 -27.98
C ASP A 171 -10.14 5.23 -27.38
N SER A 172 -9.78 4.92 -26.14
CA SER A 172 -8.62 5.47 -25.41
C SER A 172 -8.76 6.97 -25.12
N THR A 173 -9.97 7.48 -25.14
CA THR A 173 -10.27 8.86 -24.78
C THR A 173 -10.47 9.01 -23.27
N TYR A 174 -10.50 10.26 -22.84
CA TYR A 174 -10.83 10.62 -21.49
C TYR A 174 -12.13 11.41 -21.56
N SER A 175 -12.85 11.44 -20.46
CA SER A 175 -14.05 12.23 -20.39
C SER A 175 -14.10 12.91 -19.03
N MET A 176 -14.84 14.02 -18.99
CA MET A 176 -14.94 14.84 -17.79
C MET A 176 -16.36 15.35 -17.63
N SER A 177 -16.83 15.36 -16.39
CA SER A 177 -18.03 16.06 -15.98
C SER A 177 -17.63 17.31 -15.20
N SER A 178 -18.45 18.34 -15.35
CA SER A 178 -18.29 19.57 -14.57
C SER A 178 -19.68 19.90 -14.06
N THR A 179 -19.79 20.14 -12.76
CA THR A 179 -21.07 20.44 -12.15
C THR A 179 -20.98 21.78 -11.42
N LEU A 180 -21.85 22.70 -11.82
CA LEU A 180 -22.07 23.98 -11.12
C LEU A 180 -23.36 23.88 -10.32
N THR A 181 -23.27 24.06 -9.02
CA THR A 181 -24.41 23.87 -8.13
C THR A 181 -24.81 25.18 -7.44
N LEU A 182 -26.01 25.67 -7.75
CA LEU A 182 -26.58 26.87 -7.14
C LEU A 182 -27.83 26.56 -6.36
N THR A 183 -28.27 27.56 -5.63
CA THR A 183 -29.57 27.46 -5.01
C THR A 183 -30.61 27.77 -6.07
N LYS A 184 -31.84 27.33 -5.82
CA LYS A 184 -32.91 27.58 -6.79
C LYS A 184 -33.08 29.07 -7.01
N ASP A 185 -33.03 29.85 -5.92
CA ASP A 185 -33.20 31.31 -6.00
C ASP A 185 -32.07 31.97 -6.78
N GLU A 186 -30.82 31.56 -6.58
CA GLU A 186 -29.71 32.10 -7.35
C GLU A 186 -29.84 31.73 -8.83
N TYR A 187 -30.11 30.46 -9.13
CA TYR A 187 -30.25 30.03 -10.53
C TYR A 187 -31.34 30.79 -11.30
N GLU A 188 -32.49 31.05 -10.67
CA GLU A 188 -33.54 31.82 -11.36
C GLU A 188 -33.29 33.35 -11.38
N ARG A 189 -32.05 33.81 -11.14
CA ARG A 189 -31.71 35.23 -11.14
C ARG A 189 -30.63 35.53 -12.18
N HIS A 190 -30.22 34.56 -12.98
CA HIS A 190 -29.20 34.78 -14.00
C HIS A 190 -29.71 34.14 -15.29
N ASN A 191 -29.28 34.68 -16.44
CA ASN A 191 -29.84 34.20 -17.71
C ASN A 191 -28.98 33.12 -18.36
N SER A 192 -27.69 33.39 -18.53
CA SER A 192 -26.84 32.59 -19.39
C SER A 192 -25.89 31.79 -18.55
N TYR A 193 -25.67 30.56 -18.98
CA TYR A 193 -24.79 29.62 -18.30
C TYR A 193 -23.95 29.01 -19.40
N THR A 194 -22.64 29.11 -19.26
CA THR A 194 -21.68 28.75 -20.29
C THR A 194 -20.59 27.92 -19.64
N CYS A 195 -20.16 26.85 -20.33
CA CYS A 195 -18.94 26.15 -19.93
C CYS A 195 -17.95 26.14 -21.09
N GLU A 196 -16.84 26.87 -20.95
CA GLU A 196 -15.79 26.87 -21.95
C GLU A 196 -14.69 25.89 -21.54
N ALA A 197 -14.13 25.17 -22.52
CA ALA A 197 -13.05 24.22 -22.25
C ALA A 197 -11.83 24.54 -23.10
N THR A 198 -10.71 24.86 -22.47
CA THR A 198 -9.44 25.02 -23.17
C THR A 198 -8.80 23.64 -23.26
N HIS A 199 -8.36 23.27 -24.46
CA HIS A 199 -7.75 21.96 -24.72
C HIS A 199 -6.66 22.12 -25.77
N LYS A 200 -5.86 21.09 -25.93
CA LYS A 200 -4.75 21.16 -26.88
C LYS A 200 -5.21 21.06 -28.32
N THR A 201 -6.43 20.63 -28.54
CA THR A 201 -6.92 20.57 -29.91
C THR A 201 -7.32 21.92 -30.49
N SER A 202 -7.48 22.97 -29.67
CA SER A 202 -7.92 24.25 -30.20
C SER A 202 -7.27 25.38 -29.41
N THR A 203 -6.89 26.46 -30.12
CA THR A 203 -6.34 27.63 -29.44
C THR A 203 -7.42 28.34 -28.62
N SER A 204 -8.54 28.52 -29.18
CA SER A 204 -9.58 29.16 -28.41
C SER A 204 -10.51 28.08 -27.87
N PRO A 205 -11.09 28.28 -26.69
CA PRO A 205 -11.84 27.19 -26.06
C PRO A 205 -13.16 26.92 -26.78
N ILE A 206 -13.57 25.65 -26.74
CA ILE A 206 -14.87 25.24 -27.25
C ILE A 206 -15.93 25.53 -26.19
N VAL A 207 -16.99 26.22 -26.59
CA VAL A 207 -18.02 26.74 -25.68
C VAL A 207 -19.38 26.17 -26.06
N LYS A 208 -20.05 25.56 -25.08
CA LYS A 208 -21.44 25.17 -25.20
C LYS A 208 -22.22 25.93 -24.14
N SER A 209 -23.41 26.37 -24.51
CA SER A 209 -24.14 27.33 -23.69
C SER A 209 -25.63 27.15 -23.86
N PHE A 210 -26.35 27.76 -22.92
CA PHE A 210 -27.80 27.84 -23.02
C PHE A 210 -28.24 29.11 -22.30
N ASN A 211 -29.48 29.51 -22.60
CA ASN A 211 -30.13 30.60 -21.91
C ASN A 211 -31.37 30.05 -21.21
N ARG A 212 -31.55 30.49 -19.96
CA ARG A 212 -32.69 30.03 -19.22
C ARG A 212 -33.98 30.69 -19.74
N ASN A 213 -33.87 31.75 -20.55
CA ASN A 213 -35.04 32.35 -21.20
C ASN A 213 -35.67 31.46 -22.28
N GLU A 214 -34.85 30.82 -23.13
CA GLU A 214 -35.33 29.96 -24.24
C GLU A 214 -35.24 28.48 -23.88
N VAL B 2 -2.88 -20.16 -2.53
CA VAL B 2 -2.58 -19.27 -1.42
C VAL B 2 -3.52 -18.05 -1.58
N THR B 3 -4.31 -17.77 -0.56
CA THR B 3 -5.22 -16.66 -0.54
C THR B 3 -5.23 -15.88 0.78
N LEU B 4 -5.52 -14.59 0.64
CA LEU B 4 -5.73 -13.69 1.75
C LEU B 4 -7.04 -12.96 1.52
N LYS B 5 -7.82 -12.81 2.59
CA LYS B 5 -9.08 -12.08 2.54
C LYS B 5 -9.16 -11.13 3.71
N GLU B 6 -9.18 -9.85 3.40
CA GLU B 6 -9.37 -8.78 4.36
C GLU B 6 -10.87 -8.63 4.64
N SER B 7 -11.19 -8.25 5.87
CA SER B 7 -12.56 -7.85 6.18
C SER B 7 -12.47 -6.66 7.12
N GLY B 8 -13.49 -5.84 7.07
CA GLY B 8 -13.49 -4.66 7.89
C GLY B 8 -14.86 -4.07 7.99
N PRO B 9 -14.97 -2.92 8.63
CA PRO B 9 -16.30 -2.38 8.96
C PRO B 9 -16.93 -1.61 7.81
N GLY B 10 -16.16 -1.29 6.77
CA GLY B 10 -16.71 -0.58 5.62
C GLY B 10 -16.84 0.92 5.75
N ILE B 11 -17.44 1.38 6.85
CA ILE B 11 -17.64 2.80 7.13
C ILE B 11 -17.45 3.03 8.62
N LEU B 12 -16.77 4.13 8.98
CA LEU B 12 -16.63 4.52 10.38
C LEU B 12 -16.82 6.03 10.50
N GLN B 13 -17.22 6.53 11.75
CA GLN B 13 -17.11 7.98 11.88
C GLN B 13 -15.71 8.31 12.41
N PRO B 14 -15.15 9.50 12.12
CA PRO B 14 -13.94 9.96 12.84
C PRO B 14 -13.89 9.78 14.34
N SER B 15 -12.71 9.35 14.85
CA SER B 15 -12.32 9.07 16.24
C SER B 15 -12.43 7.60 16.60
N GLN B 16 -13.23 6.85 15.85
CA GLN B 16 -13.44 5.44 16.13
C GLN B 16 -12.19 4.60 15.85
N THR B 17 -12.23 3.37 16.33
CA THR B 17 -11.14 2.44 16.14
C THR B 17 -11.45 1.57 14.94
N LEU B 18 -10.49 1.50 14.05
CA LEU B 18 -10.58 0.61 12.91
C LEU B 18 -10.00 -0.73 13.34
N SER B 19 -10.76 -1.79 13.13
CA SER B 19 -10.27 -3.13 13.38
C SER B 19 -10.39 -3.94 12.10
N LEU B 20 -9.25 -4.37 11.56
CA LEU B 20 -9.20 -5.13 10.32
C LEU B 20 -8.74 -6.56 10.59
N THR B 21 -9.29 -7.50 9.86
CA THR B 21 -8.93 -8.90 10.00
C THR B 21 -8.44 -9.35 8.64
N CYS B 22 -7.33 -10.07 8.62
CA CYS B 22 -6.82 -10.75 7.43
C CYS B 22 -6.94 -12.25 7.65
N SER B 23 -7.79 -12.90 6.91
CA SER B 23 -7.96 -14.34 7.03
C SER B 23 -7.19 -15.00 5.89
N PHE B 24 -6.25 -15.88 6.16
CA PHE B 24 -5.44 -16.38 5.05
C PHE B 24 -5.49 -17.90 5.02
N SER B 25 -5.20 -18.47 3.85
CA SER B 25 -5.07 -19.91 3.71
C SER B 25 -4.00 -20.24 2.68
N GLY B 26 -3.62 -21.53 2.62
CA GLY B 26 -2.61 -22.00 1.68
C GLY B 26 -1.18 -21.79 2.15
N PHE B 27 -0.99 -21.26 3.37
CA PHE B 27 0.34 -21.12 3.96
C PHE B 27 0.21 -20.93 5.47
N SER B 28 1.36 -20.87 6.12
CA SER B 28 1.48 -20.71 7.56
C SER B 28 2.44 -19.59 7.93
N LEU B 29 2.05 -18.90 9.00
CA LEU B 29 2.77 -17.86 9.70
C LEU B 29 3.68 -18.43 10.78
N ASN B 30 3.96 -19.73 10.74
CA ASN B 30 5.05 -20.33 11.49
C ASN B 30 6.37 -20.50 10.73
N SER B 31 6.37 -20.36 9.40
CA SER B 31 7.59 -20.51 8.62
C SER B 31 8.58 -19.36 8.81
N PHE B 32 9.87 -19.71 8.99
CA PHE B 32 10.91 -18.71 9.11
C PHE B 32 10.88 -17.84 7.86
N GLY B 33 10.84 -16.54 8.09
CA GLY B 33 10.86 -15.54 7.07
C GLY B 33 9.49 -15.12 6.60
N THR B 34 8.43 -15.83 7.01
CA THR B 34 7.11 -15.43 6.60
C THR B 34 6.64 -14.23 7.44
N GLY B 35 5.85 -13.41 6.83
CA GLY B 35 5.28 -12.28 7.51
C GLY B 35 4.02 -11.89 6.77
N VAL B 36 3.18 -11.17 7.49
CA VAL B 36 1.95 -10.65 6.90
C VAL B 36 2.00 -9.17 7.23
N GLY B 37 1.76 -8.36 6.21
CA GLY B 37 1.69 -6.94 6.35
C GLY B 37 0.39 -6.33 5.88
N TRP B 38 0.23 -5.08 6.28
CA TRP B 38 -0.92 -4.29 5.89
C TRP B 38 -0.44 -3.11 5.07
N ILE B 39 -1.13 -2.87 3.98
CA ILE B 39 -0.83 -1.79 3.05
C ILE B 39 -2.14 -1.13 2.68
N ARG B 40 -2.13 0.19 2.60
CA ARG B 40 -3.36 0.83 2.17
C ARG B 40 -3.03 1.75 1.01
N GLN B 41 -4.06 2.07 0.28
CA GLN B 41 -4.09 2.97 -0.85
C GLN B 41 -5.34 3.85 -0.73
N PRO B 42 -5.17 5.13 -0.45
CA PRO B 42 -6.20 6.13 -0.80
C PRO B 42 -6.52 6.07 -2.29
N SER B 43 -7.80 6.25 -2.62
CA SER B 43 -8.25 6.18 -4.00
C SER B 43 -7.55 7.21 -4.89
N GLY B 44 -7.01 6.73 -6.00
CA GLY B 44 -6.27 7.56 -6.94
C GLY B 44 -4.88 7.93 -6.50
N LYS B 45 -4.38 7.35 -5.43
CA LYS B 45 -3.09 7.69 -4.85
C LYS B 45 -2.29 6.39 -4.72
N GLY B 46 -1.06 6.51 -4.21
CA GLY B 46 -0.13 5.41 -4.14
C GLY B 46 -0.33 4.47 -2.95
N LEU B 47 0.53 3.48 -2.90
CA LEU B 47 0.46 2.48 -1.86
C LEU B 47 1.37 2.90 -0.70
N GLU B 48 0.90 2.68 0.53
CA GLU B 48 1.68 2.99 1.72
C GLU B 48 1.68 1.76 2.63
N TRP B 49 2.87 1.27 2.92
CA TRP B 49 3.05 0.25 3.93
C TRP B 49 2.80 0.77 5.32
N LEU B 50 2.04 -0.03 6.09
CA LEU B 50 1.62 0.37 7.43
C LEU B 50 2.33 -0.47 8.49
N ALA B 51 2.22 -1.78 8.39
CA ALA B 51 2.73 -2.66 9.42
C ALA B 51 2.77 -4.09 8.90
N HIS B 52 3.58 -4.90 9.54
CA HIS B 52 3.82 -6.29 9.19
C HIS B 52 4.14 -6.98 10.51
N ILE B 53 3.78 -8.25 10.60
CA ILE B 53 4.00 -9.11 11.75
C ILE B 53 4.66 -10.37 11.24
N TRP B 54 5.62 -10.85 12.01
CA TRP B 54 6.36 -12.02 11.60
C TRP B 54 5.97 -13.28 12.33
N TRP B 55 6.39 -14.39 11.73
CA TRP B 55 6.16 -15.71 12.27
C TRP B 55 6.59 -15.78 13.74
N ASN B 56 7.68 -15.09 14.12
CA ASN B 56 8.18 -15.17 15.50
C ASN B 56 7.64 -14.05 16.39
N ASP B 57 6.56 -13.37 15.99
CA ASP B 57 5.71 -12.42 16.73
C ASP B 57 6.27 -10.99 16.78
N TYR B 58 7.44 -10.74 16.19
CA TYR B 58 7.98 -9.41 15.95
C TYR B 58 7.15 -8.59 14.98
N LYS B 59 6.97 -7.29 15.32
CA LYS B 59 6.09 -6.36 14.63
C LYS B 59 6.83 -5.07 14.27
N TYR B 60 6.59 -4.62 13.03
CA TYR B 60 7.18 -3.40 12.47
C TYR B 60 6.05 -2.51 12.01
N TYR B 61 6.27 -1.22 12.19
CA TYR B 61 5.28 -0.20 11.92
C TYR B 61 5.84 0.91 11.05
N ASN B 62 4.95 1.56 10.33
CA ASN B 62 5.30 2.82 9.69
C ASN B 62 5.43 3.79 10.84
N ALA B 63 6.61 4.40 10.95
CA ALA B 63 6.84 5.32 12.04
C ALA B 63 5.93 6.52 12.02
N ALA B 64 5.40 6.92 10.86
CA ALA B 64 4.49 8.04 11.00
C ALA B 64 3.18 7.65 11.71
N LEU B 65 2.82 6.36 11.68
CA LEU B 65 1.64 5.84 12.37
C LEU B 65 1.93 4.92 13.55
N GLU B 66 3.19 4.75 13.98
CA GLU B 66 3.46 3.85 15.11
C GLU B 66 2.69 4.17 16.39
N SER B 67 2.05 5.33 16.48
CA SER B 67 1.32 5.62 17.69
C SER B 67 -0.11 5.14 17.59
N ARG B 68 -0.65 5.17 16.38
CA ARG B 68 -1.98 4.73 16.05
C ARG B 68 -2.09 3.23 15.75
N LEU B 69 -1.00 2.56 15.42
CA LEU B 69 -1.07 1.18 14.96
C LEU B 69 -0.70 0.08 15.95
N THR B 70 -1.52 -0.97 16.03
CA THR B 70 -1.11 -2.19 16.70
C THR B 70 -1.54 -3.38 15.84
N ILE B 71 -0.59 -4.22 15.44
CA ILE B 71 -0.79 -5.44 14.66
C ILE B 71 -0.64 -6.70 15.51
N SER B 72 -1.43 -7.72 15.21
CA SER B 72 -1.34 -8.93 16.01
C SER B 72 -1.76 -10.10 15.14
N LYS B 73 -1.58 -11.31 15.68
CA LYS B 73 -1.90 -12.50 14.94
C LYS B 73 -2.39 -13.58 15.88
N ASP B 74 -3.28 -14.44 15.35
CA ASP B 74 -3.62 -15.74 15.94
C ASP B 74 -3.23 -16.74 14.86
N THR B 75 -2.11 -17.44 15.06
CA THR B 75 -1.66 -18.46 14.12
C THR B 75 -2.58 -19.66 14.08
N SER B 76 -3.22 -19.99 15.20
CA SER B 76 -4.08 -21.16 15.21
C SER B 76 -5.24 -21.05 14.22
N ASN B 77 -5.84 -19.86 14.07
CA ASN B 77 -6.97 -19.60 13.18
C ASN B 77 -6.57 -19.04 11.81
N ASN B 78 -5.26 -18.88 11.54
CA ASN B 78 -4.76 -18.21 10.33
C ASN B 78 -5.23 -16.78 10.15
N GLN B 79 -5.10 -15.96 11.19
CA GLN B 79 -5.57 -14.59 11.13
C GLN B 79 -4.52 -13.62 11.63
N VAL B 80 -4.48 -12.49 10.95
CA VAL B 80 -3.71 -11.33 11.36
C VAL B 80 -4.66 -10.15 11.54
N PHE B 81 -4.47 -9.37 12.59
CA PHE B 81 -5.37 -8.24 12.84
C PHE B 81 -4.59 -6.93 12.81
N LEU B 82 -5.22 -5.87 12.30
CA LEU B 82 -4.68 -4.52 12.47
C LEU B 82 -5.79 -3.63 13.00
N LYS B 83 -5.48 -2.90 14.05
CA LYS B 83 -6.40 -1.92 14.50
C LYS B 83 -5.68 -0.65 14.54
N ILE B 84 -6.36 0.36 14.08
CA ILE B 84 -5.87 1.73 13.96
C ILE B 84 -6.76 2.58 14.82
N ALA B 85 -6.21 3.16 15.88
CA ALA B 85 -7.04 3.99 16.72
C ALA B 85 -7.23 5.38 16.12
N SER B 86 -8.29 6.05 16.61
CA SER B 86 -8.55 7.47 16.31
C SER B 86 -8.61 7.76 14.80
N VAL B 87 -9.49 7.04 14.10
CA VAL B 87 -9.59 7.23 12.66
C VAL B 87 -9.97 8.67 12.34
N ASP B 88 -9.46 9.14 11.18
CA ASP B 88 -9.70 10.43 10.53
C ASP B 88 -10.01 10.24 9.06
N THR B 89 -10.35 11.35 8.39
CA THR B 89 -10.71 11.35 6.98
C THR B 89 -9.61 10.81 6.09
N ALA B 90 -8.35 11.01 6.51
CA ALA B 90 -7.15 10.54 5.85
C ALA B 90 -6.99 9.03 5.93
N ASP B 91 -7.79 8.37 6.75
CA ASP B 91 -7.76 6.92 6.77
C ASP B 91 -8.75 6.30 5.79
N THR B 92 -9.48 7.12 5.02
CA THR B 92 -10.22 6.64 3.86
C THR B 92 -9.32 6.07 2.78
N ALA B 93 -9.37 4.76 2.61
CA ALA B 93 -8.43 4.07 1.75
C ALA B 93 -8.97 2.68 1.51
N THR B 94 -8.36 2.00 0.52
CA THR B 94 -8.47 0.56 0.37
C THR B 94 -7.29 -0.03 1.13
N TYR B 95 -7.57 -1.01 1.96
CA TYR B 95 -6.58 -1.63 2.81
C TYR B 95 -6.38 -3.06 2.31
N TYR B 96 -5.13 -3.43 2.02
CA TYR B 96 -4.81 -4.76 1.49
C TYR B 96 -3.97 -5.49 2.54
N CYS B 97 -4.17 -6.81 2.64
CA CYS B 97 -3.17 -7.61 3.33
C CYS B 97 -2.48 -8.44 2.26
N ALA B 98 -1.20 -8.67 2.50
CA ALA B 98 -0.32 -9.32 1.55
C ALA B 98 0.68 -10.13 2.34
N ARG B 99 1.19 -11.20 1.74
CA ARG B 99 2.09 -11.99 2.56
C ARG B 99 3.50 -11.55 2.18
N LEU B 100 4.31 -11.44 3.21
CA LEU B 100 5.72 -11.10 3.19
C LEU B 100 6.58 -12.35 3.05
N ARG B 101 7.10 -12.66 1.85
CA ARG B 101 8.23 -13.59 1.85
C ARG B 101 9.47 -12.77 2.11
N LEU B 102 9.99 -12.89 3.32
CA LEU B 102 11.11 -12.13 3.83
C LEU B 102 11.17 -10.65 3.37
N ARG B 103 11.25 -10.38 2.06
CA ARG B 103 11.53 -9.02 1.63
C ARG B 103 10.45 -8.39 0.73
N TYR B 104 9.66 -9.18 0.02
CA TYR B 104 8.57 -8.73 -0.83
C TYR B 104 7.23 -9.41 -0.52
N PHE B 105 6.16 -8.74 -0.94
CA PHE B 105 4.72 -9.06 -0.93
C PHE B 105 4.31 -9.93 -2.13
N ASP B 106 4.58 -11.26 -2.11
CA ASP B 106 4.12 -12.08 -3.25
C ASP B 106 2.61 -12.23 -3.43
N TYR B 107 1.80 -12.42 -2.38
CA TYR B 107 0.35 -12.68 -2.47
C TYR B 107 -0.43 -11.59 -1.74
N TRP B 108 -1.43 -10.99 -2.42
CA TRP B 108 -2.24 -9.92 -1.85
C TRP B 108 -3.72 -10.32 -1.85
N GLY B 109 -4.48 -9.79 -0.88
CA GLY B 109 -5.92 -9.89 -0.96
C GLY B 109 -6.55 -8.96 -1.98
N GLN B 110 -7.90 -9.01 -2.04
CA GLN B 110 -8.60 -8.16 -3.00
C GLN B 110 -8.78 -6.75 -2.46
N GLY B 111 -8.61 -6.58 -1.16
CA GLY B 111 -8.71 -5.34 -0.46
C GLY B 111 -10.08 -5.16 0.12
N THR B 112 -10.15 -4.41 1.20
CA THR B 112 -11.40 -3.97 1.80
C THR B 112 -11.40 -2.44 1.80
N THR B 113 -12.50 -1.86 1.38
CA THR B 113 -12.58 -0.43 1.20
C THR B 113 -13.22 0.14 2.45
N LEU B 114 -12.58 1.17 2.99
CA LEU B 114 -13.07 1.85 4.17
C LEU B 114 -13.34 3.31 3.83
N THR B 115 -14.50 3.79 4.24
CA THR B 115 -14.84 5.20 4.20
C THR B 115 -14.94 5.74 5.62
N VAL B 116 -14.22 6.82 5.90
CA VAL B 116 -14.38 7.47 7.18
C VAL B 116 -15.15 8.76 6.91
N SER B 117 -16.34 8.81 7.49
CA SER B 117 -17.29 9.89 7.33
C SER B 117 -18.26 9.86 8.50
N SER B 118 -18.80 11.02 8.85
CA SER B 118 -19.82 10.92 9.88
C SER B 118 -21.19 10.89 9.25
N ALA B 119 -21.25 11.07 7.92
CA ALA B 119 -22.50 10.98 7.21
C ALA B 119 -23.06 9.57 7.41
N LYS B 120 -24.37 9.48 7.47
CA LYS B 120 -25.09 8.22 7.58
C LYS B 120 -25.65 7.79 6.21
N THR B 121 -26.04 6.52 6.13
CA THR B 121 -26.65 5.95 4.93
C THR B 121 -27.88 6.67 4.47
N THR B 122 -27.80 7.19 3.23
CA THR B 122 -28.72 8.12 2.60
C THR B 122 -28.97 7.60 1.17
N PRO B 123 -30.23 7.43 0.76
CA PRO B 123 -30.48 7.09 -0.66
C PRO B 123 -30.18 8.28 -1.55
N PRO B 124 -29.77 8.05 -2.79
CA PRO B 124 -29.60 9.15 -3.77
C PRO B 124 -30.89 9.79 -4.28
N SER B 125 -30.78 11.08 -4.61
CA SER B 125 -31.72 11.78 -5.46
C SER B 125 -31.27 11.66 -6.91
N VAL B 126 -32.16 11.18 -7.76
CA VAL B 126 -31.86 10.89 -9.15
C VAL B 126 -32.58 11.88 -10.05
N TYR B 127 -31.80 12.65 -10.84
CA TYR B 127 -32.42 13.68 -11.64
C TYR B 127 -32.17 13.47 -13.13
N PRO B 128 -33.18 13.66 -13.99
CA PRO B 128 -32.94 13.55 -15.44
C PRO B 128 -32.21 14.76 -15.99
N LEU B 129 -31.30 14.51 -16.93
CA LEU B 129 -30.66 15.57 -17.71
C LEU B 129 -31.09 15.51 -19.17
N ALA B 130 -31.93 16.45 -19.55
CA ALA B 130 -32.60 16.61 -20.82
C ALA B 130 -32.02 17.82 -21.52
N PRO B 131 -31.70 17.76 -22.81
CA PRO B 131 -31.37 19.03 -23.45
C PRO B 131 -32.63 19.77 -23.94
N MET B 140 -26.12 13.05 -33.89
CA MET B 140 -26.11 12.38 -32.58
C MET B 140 -26.47 13.38 -31.47
N VAL B 141 -27.13 12.90 -30.41
CA VAL B 141 -27.40 13.68 -29.20
C VAL B 141 -27.00 12.91 -27.94
N THR B 142 -26.48 13.62 -26.95
CA THR B 142 -25.98 13.05 -25.71
C THR B 142 -26.89 13.44 -24.54
N LEU B 143 -27.39 12.43 -23.81
CA LEU B 143 -28.28 12.61 -22.67
C LEU B 143 -27.62 12.09 -21.39
N GLY B 144 -28.23 12.41 -20.24
CA GLY B 144 -27.72 11.87 -18.99
C GLY B 144 -28.69 11.92 -17.83
N CYS B 145 -28.19 11.46 -16.68
CA CYS B 145 -28.89 11.52 -15.40
C CYS B 145 -27.85 11.93 -14.36
N LEU B 146 -28.30 12.71 -13.37
CA LEU B 146 -27.51 13.14 -12.22
C LEU B 146 -27.98 12.46 -10.92
N VAL B 147 -27.02 11.86 -10.21
CA VAL B 147 -27.25 11.09 -8.97
C VAL B 147 -26.55 11.81 -7.82
N LYS B 148 -27.35 12.50 -7.01
CA LYS B 148 -26.83 13.51 -6.11
C LYS B 148 -27.25 13.18 -4.67
N GLY B 149 -26.28 13.24 -3.77
CA GLY B 149 -26.53 13.28 -2.34
C GLY B 149 -26.70 11.94 -1.69
N TYR B 150 -25.96 10.93 -2.12
CA TYR B 150 -26.10 9.58 -1.56
C TYR B 150 -24.89 9.26 -0.69
N PHE B 151 -25.08 8.32 0.22
CA PHE B 151 -23.97 7.80 1.00
C PHE B 151 -24.29 6.38 1.45
N PRO B 152 -23.28 5.51 1.63
CA PRO B 152 -21.94 5.61 1.05
C PRO B 152 -21.88 5.21 -0.42
N GLU B 153 -20.69 5.22 -0.99
CA GLU B 153 -20.48 4.53 -2.26
C GLU B 153 -20.62 3.02 -2.07
N PRO B 154 -21.06 2.29 -3.10
CA PRO B 154 -21.20 2.88 -4.43
C PRO B 154 -22.60 2.88 -4.96
N VAL B 155 -22.75 3.55 -6.07
CA VAL B 155 -23.92 3.43 -6.92
C VAL B 155 -23.53 2.70 -8.19
N THR B 156 -24.50 2.04 -8.80
CA THR B 156 -24.33 1.51 -10.14
C THR B 156 -25.36 2.21 -11.02
N VAL B 157 -24.94 2.67 -12.19
CA VAL B 157 -25.82 3.36 -13.11
C VAL B 157 -25.79 2.60 -14.41
N THR B 158 -26.95 2.21 -14.91
CA THR B 158 -27.04 1.56 -16.21
C THR B 158 -28.13 2.27 -17.00
N TRP B 159 -28.10 2.08 -18.32
CA TRP B 159 -29.05 2.69 -19.22
C TRP B 159 -29.71 1.57 -19.99
N ASN B 160 -31.03 1.57 -19.97
CA ASN B 160 -31.85 0.53 -20.57
C ASN B 160 -31.36 -0.82 -20.02
N SER B 161 -31.00 -0.81 -18.73
CA SER B 161 -30.52 -2.00 -18.03
C SER B 161 -29.26 -2.62 -18.67
N GLY B 162 -28.39 -1.78 -19.26
CA GLY B 162 -27.18 -2.24 -19.91
C GLY B 162 -27.28 -2.41 -21.42
N SER B 163 -28.47 -2.28 -22.00
CA SER B 163 -28.64 -2.41 -23.44
C SER B 163 -28.09 -1.24 -24.22
N LEU B 164 -27.89 -0.11 -23.58
CA LEU B 164 -27.22 1.03 -24.20
C LEU B 164 -25.87 1.09 -23.48
N SER B 165 -24.82 0.58 -24.14
CA SER B 165 -23.54 0.48 -23.45
C SER B 165 -22.41 1.28 -24.07
N SER B 166 -22.40 1.51 -25.39
CA SER B 166 -21.38 2.35 -25.98
C SER B 166 -21.83 3.79 -25.80
N GLY B 167 -20.88 4.67 -25.57
CA GLY B 167 -21.17 6.07 -25.36
C GLY B 167 -21.69 6.40 -23.98
N VAL B 168 -21.42 5.54 -22.99
CA VAL B 168 -21.84 5.72 -21.61
C VAL B 168 -20.57 6.10 -20.89
N HIS B 169 -20.60 7.20 -20.13
CA HIS B 169 -19.49 7.55 -19.26
C HIS B 169 -20.06 7.70 -17.86
N THR B 170 -19.74 6.80 -16.93
CA THR B 170 -20.21 6.99 -15.56
C THR B 170 -19.02 7.51 -14.77
N PHE B 171 -19.14 8.77 -14.32
CA PHE B 171 -18.01 9.48 -13.76
C PHE B 171 -17.78 9.05 -12.30
N PRO B 172 -16.53 9.07 -11.83
CA PRO B 172 -16.26 8.98 -10.39
C PRO B 172 -17.10 9.95 -9.56
N ALA B 173 -17.59 9.44 -8.42
CA ALA B 173 -18.27 10.27 -7.43
C ALA B 173 -17.32 11.29 -6.80
N VAL B 174 -17.87 12.44 -6.47
CA VAL B 174 -17.15 13.47 -5.74
C VAL B 174 -17.93 13.81 -4.48
N LEU B 175 -17.20 14.26 -3.46
CA LEU B 175 -17.82 14.67 -2.21
C LEU B 175 -18.25 16.13 -2.30
N GLN B 176 -19.49 16.39 -1.92
CA GLN B 176 -20.00 17.74 -1.73
C GLN B 176 -20.64 17.71 -0.34
N SER B 177 -20.02 18.41 0.61
CA SER B 177 -20.53 18.54 1.97
C SER B 177 -20.85 17.17 2.58
N ASP B 178 -19.88 16.25 2.50
CA ASP B 178 -19.89 14.87 3.00
C ASP B 178 -20.72 13.87 2.22
N LEU B 179 -21.44 14.24 1.16
CA LEU B 179 -22.26 13.28 0.45
C LEU B 179 -21.78 13.19 -0.99
N TYR B 180 -21.91 12.02 -1.58
CA TYR B 180 -21.37 11.77 -2.91
C TYR B 180 -22.33 12.21 -4.00
N THR B 181 -21.76 12.59 -5.14
CA THR B 181 -22.54 12.91 -6.34
C THR B 181 -21.73 12.47 -7.56
N LEU B 182 -22.44 11.98 -8.57
CA LEU B 182 -21.85 11.66 -9.85
C LEU B 182 -22.89 11.92 -10.92
N SER B 183 -22.44 11.90 -12.16
CA SER B 183 -23.33 11.94 -13.30
C SER B 183 -22.95 10.83 -14.25
N SER B 184 -23.91 10.44 -15.09
CA SER B 184 -23.65 9.54 -16.19
C SER B 184 -24.16 10.19 -17.46
N SER B 185 -23.42 10.05 -18.56
CA SER B 185 -23.83 10.54 -19.86
C SER B 185 -23.97 9.38 -20.83
N VAL B 186 -24.91 9.51 -21.77
CA VAL B 186 -25.08 8.55 -22.84
C VAL B 186 -25.22 9.31 -24.15
N THR B 187 -24.55 8.81 -25.19
CA THR B 187 -24.60 9.47 -26.48
C THR B 187 -25.23 8.49 -27.48
N VAL B 188 -26.30 8.91 -28.13
CA VAL B 188 -27.05 8.04 -29.04
C VAL B 188 -27.25 8.79 -30.36
N PRO B 189 -27.54 8.06 -31.45
CA PRO B 189 -28.08 8.74 -32.63
C PRO B 189 -29.34 9.53 -32.30
N SER B 190 -29.52 10.66 -32.98
CA SER B 190 -30.68 11.52 -32.73
C SER B 190 -31.98 10.93 -33.29
N SER B 191 -31.87 9.94 -34.17
CA SER B 191 -32.98 9.19 -34.76
C SER B 191 -33.65 8.24 -33.76
N THR B 192 -33.03 7.98 -32.61
CA THR B 192 -33.58 7.08 -31.59
C THR B 192 -34.18 7.79 -30.37
N TRP B 193 -34.06 9.11 -30.23
CA TRP B 193 -34.72 9.78 -29.06
C TRP B 193 -35.29 11.12 -29.49
N PRO B 194 -36.58 11.36 -29.21
CA PRO B 194 -37.44 10.72 -28.20
C PRO B 194 -38.27 9.60 -28.81
N SER B 195 -37.91 9.20 -30.04
CA SER B 195 -38.62 8.14 -30.73
C SER B 195 -38.61 6.81 -29.97
N GLU B 196 -37.49 6.43 -29.39
CA GLU B 196 -37.42 5.33 -28.43
C GLU B 196 -37.06 5.87 -27.06
N THR B 197 -37.52 5.18 -26.02
CA THR B 197 -37.32 5.63 -24.64
C THR B 197 -35.87 5.43 -24.19
N VAL B 198 -35.39 6.36 -23.37
CA VAL B 198 -34.10 6.30 -22.67
C VAL B 198 -34.42 6.49 -21.18
N THR B 199 -33.95 5.54 -20.38
CA THR B 199 -34.20 5.49 -18.96
C THR B 199 -32.88 5.29 -18.26
N CYS B 200 -32.68 6.04 -17.18
CA CYS B 200 -31.57 5.76 -16.31
C CYS B 200 -32.02 4.84 -15.20
N ASN B 201 -31.17 3.86 -14.90
CA ASN B 201 -31.41 2.89 -13.84
C ASN B 201 -30.28 3.04 -12.83
N VAL B 202 -30.61 3.39 -11.59
CA VAL B 202 -29.58 3.60 -10.56
C VAL B 202 -29.89 2.67 -9.39
N ALA B 203 -28.91 1.88 -9.00
CA ALA B 203 -29.00 1.00 -7.85
C ALA B 203 -28.02 1.50 -6.81
N HIS B 204 -28.47 1.53 -5.58
CA HIS B 204 -27.62 1.83 -4.44
C HIS B 204 -27.66 0.64 -3.51
N PRO B 205 -26.64 -0.23 -3.54
CA PRO B 205 -26.74 -1.50 -2.82
C PRO B 205 -26.80 -1.33 -1.32
N ALA B 206 -26.08 -0.34 -0.77
CA ALA B 206 -26.04 -0.15 0.67
C ALA B 206 -27.39 0.26 1.27
N SER B 207 -28.21 1.02 0.55
CA SER B 207 -29.53 1.40 1.03
C SER B 207 -30.65 0.51 0.51
N SER B 208 -30.34 -0.50 -0.30
CA SER B 208 -31.37 -1.38 -0.89
C SER B 208 -32.25 -0.66 -1.92
N THR B 209 -31.69 0.30 -2.68
CA THR B 209 -32.51 1.12 -3.56
C THR B 209 -32.14 0.88 -5.01
N LYS B 210 -33.17 0.92 -5.85
CA LYS B 210 -33.10 0.87 -7.30
C LYS B 210 -34.12 1.88 -7.78
N VAL B 211 -33.74 2.72 -8.74
CA VAL B 211 -34.65 3.74 -9.23
C VAL B 211 -34.51 3.83 -10.75
N ASP B 212 -35.64 3.92 -11.43
CA ASP B 212 -35.66 4.21 -12.85
C ASP B 212 -36.09 5.66 -13.07
N LYS B 213 -35.38 6.37 -13.94
CA LYS B 213 -35.82 7.70 -14.34
C LYS B 213 -35.86 7.78 -15.85
N LYS B 214 -37.05 7.83 -16.41
CA LYS B 214 -37.13 8.08 -17.85
C LYS B 214 -36.80 9.53 -18.16
N ILE B 215 -35.92 9.76 -19.15
CA ILE B 215 -35.59 11.12 -19.57
C ILE B 215 -36.50 11.47 -20.76
N VAL B 216 -37.33 12.50 -20.58
CA VAL B 216 -38.23 12.96 -21.64
C VAL B 216 -37.86 14.42 -21.94
N PRO B 217 -37.90 14.86 -23.22
CA PRO B 217 -37.54 16.22 -23.67
C PRO B 217 -38.18 17.39 -22.93
N LEU C 1 16.86 4.38 42.81
CA LEU C 1 15.90 3.73 41.96
C LEU C 1 16.30 2.28 41.91
N GLU C 2 15.32 1.38 42.01
CA GLU C 2 15.55 -0.07 42.02
C GLU C 2 15.19 -0.64 40.65
N CYS C 3 16.08 -1.46 40.07
CA CYS C 3 15.81 -2.10 38.78
C CYS C 3 16.05 -3.59 38.85
N TYR C 4 15.37 -4.31 37.96
CA TYR C 4 15.68 -5.72 37.83
C TYR C 4 17.05 -5.83 37.20
N SER C 5 17.86 -6.74 37.72
CA SER C 5 19.17 -6.94 37.15
C SER C 5 19.38 -8.42 36.90
N CYS C 6 19.66 -8.75 35.65
CA CYS C 6 19.78 -10.11 35.16
C CYS C 6 20.47 -10.06 33.79
N VAL C 7 21.12 -11.16 33.44
CA VAL C 7 21.77 -11.31 32.16
C VAL C 7 21.43 -12.70 31.61
N GLN C 8 21.05 -12.73 30.33
CA GLN C 8 20.61 -13.95 29.66
C GLN C 8 21.49 -14.24 28.44
N LYS C 9 22.09 -15.42 28.44
CA LYS C 9 23.06 -15.85 27.46
C LYS C 9 22.48 -17.10 26.78
N ALA C 10 21.37 -16.94 26.07
CA ALA C 10 20.61 -18.09 25.54
C ALA C 10 20.33 -19.13 26.61
N ASP C 11 20.32 -18.74 27.88
CA ASP C 11 19.99 -19.62 29.00
C ASP C 11 18.77 -19.09 29.75
N ASP C 12 18.74 -19.32 31.05
CA ASP C 12 17.64 -18.89 31.90
C ASP C 12 18.09 -17.80 32.87
N GLY C 13 19.13 -17.04 32.52
CA GLY C 13 19.68 -16.10 33.48
C GLY C 13 18.69 -15.02 33.87
N CYS C 14 17.67 -14.79 33.05
CA CYS C 14 16.69 -13.76 33.31
C CYS C 14 15.35 -14.36 33.68
N SER C 15 15.40 -15.55 34.28
CA SER C 15 14.24 -16.31 34.65
C SER C 15 13.70 -15.78 35.97
N PRO C 16 12.41 -16.06 36.26
CA PRO C 16 11.80 -15.52 37.48
C PRO C 16 12.68 -15.75 38.68
N ASN C 17 13.17 -16.98 38.81
CA ASN C 17 13.96 -17.37 39.94
C ASN C 17 15.47 -17.25 39.77
N LYS C 18 15.97 -16.41 38.84
CA LYS C 18 17.36 -15.92 38.81
C LYS C 18 17.43 -14.40 38.81
N MET C 19 16.30 -13.70 38.60
CA MET C 19 16.37 -12.24 38.57
C MET C 19 16.67 -11.64 39.94
N LYS C 20 17.65 -10.73 39.97
CA LYS C 20 18.02 -9.91 41.11
C LYS C 20 17.34 -8.55 41.00
N THR C 21 17.12 -7.89 42.12
CA THR C 21 16.70 -6.47 42.12
C THR C 21 17.88 -5.64 42.59
N VAL C 22 18.35 -4.69 41.77
CA VAL C 22 19.49 -3.85 42.16
C VAL C 22 19.07 -2.39 42.41
N LYS C 23 19.85 -1.69 43.24
CA LYS C 23 19.69 -0.25 43.44
C LYS C 23 20.81 0.49 42.70
N CYS C 24 20.44 1.54 41.98
CA CYS C 24 21.37 2.22 41.10
C CYS C 24 22.24 3.24 41.83
N ALA C 25 23.38 3.55 41.20
CA ALA C 25 24.33 4.53 41.71
C ALA C 25 23.72 5.93 41.64
N PRO C 26 24.19 6.88 42.44
CA PRO C 26 23.68 8.24 42.29
C PRO C 26 23.95 8.73 40.87
N GLY C 27 23.01 9.51 40.34
CA GLY C 27 23.01 10.03 38.98
C GLY C 27 22.51 9.15 37.85
N VAL C 28 22.17 7.88 38.08
CA VAL C 28 21.58 7.03 37.04
C VAL C 28 20.08 7.07 37.29
N ASP C 29 19.30 7.43 36.26
CA ASP C 29 17.87 7.68 36.42
C ASP C 29 16.94 6.70 35.70
N VAL C 30 17.46 5.72 34.98
CA VAL C 30 16.63 4.83 34.20
C VAL C 30 17.03 3.38 34.47
N CYS C 31 16.06 2.49 34.39
CA CYS C 31 16.30 1.06 34.29
C CYS C 31 16.25 0.67 32.82
N THR C 32 17.16 -0.22 32.43
CA THR C 32 17.22 -0.74 31.08
C THR C 32 16.80 -2.20 30.97
N GLU C 33 16.31 -2.54 29.81
CA GLU C 33 16.05 -3.91 29.41
C GLU C 33 16.33 -3.94 27.92
N ALA C 34 17.17 -4.88 27.52
CA ALA C 34 17.56 -5.03 26.14
C ALA C 34 17.50 -6.51 25.88
N VAL C 35 16.72 -6.90 24.88
CA VAL C 35 16.70 -8.27 24.43
C VAL C 35 17.03 -8.30 22.94
N GLY C 36 18.01 -9.12 22.57
CA GLY C 36 18.32 -9.27 21.16
C GLY C 36 18.07 -10.72 20.80
N ALA C 37 17.10 -10.97 19.93
CA ALA C 37 16.80 -12.31 19.48
C ALA C 37 17.43 -12.42 18.10
N VAL C 38 18.16 -13.50 17.87
CA VAL C 38 18.79 -13.78 16.58
C VAL C 38 18.17 -15.06 16.05
N GLU C 39 17.82 -15.05 14.78
CA GLU C 39 17.05 -16.12 14.18
C GLU C 39 17.80 -16.69 13.01
N THR C 40 18.03 -18.00 13.08
CA THR C 40 18.52 -18.72 11.93
C THR C 40 17.38 -19.54 11.40
N ILE C 41 17.63 -20.18 10.27
CA ILE C 41 16.58 -20.92 9.63
C ILE C 41 16.43 -22.29 10.33
N HIS C 42 17.12 -22.50 11.46
CA HIS C 42 17.01 -23.72 12.25
C HIS C 42 16.77 -23.47 13.72
N GLY C 43 16.60 -22.22 14.12
CA GLY C 43 16.38 -21.95 15.52
C GLY C 43 16.63 -20.49 15.81
N GLN C 44 16.41 -20.14 17.07
CA GLN C 44 16.57 -18.76 17.51
C GLN C 44 16.99 -18.83 18.96
N PHE C 45 17.75 -17.83 19.38
CA PHE C 45 18.17 -17.73 20.77
C PHE C 45 18.17 -16.24 21.11
N SER C 46 18.33 -15.95 22.39
CA SER C 46 18.28 -14.57 22.79
C SER C 46 19.38 -14.21 23.76
N LEU C 47 19.93 -13.01 23.57
CA LEU C 47 20.76 -12.43 24.59
C LEU C 47 19.81 -11.44 25.29
N ALA C 48 20.01 -11.21 26.60
CA ALA C 48 19.22 -10.21 27.28
C ALA C 48 20.05 -9.66 28.42
N VAL C 49 19.90 -8.37 28.68
CA VAL C 49 20.49 -7.68 29.82
C VAL C 49 19.44 -6.79 30.46
N ARG C 50 19.27 -6.89 31.76
CA ARG C 50 18.39 -6.02 32.52
C ARG C 50 19.26 -5.39 33.59
N GLY C 51 19.20 -4.08 33.74
CA GLY C 51 19.95 -3.45 34.80
C GLY C 51 19.69 -1.96 34.86
N CYS C 52 20.54 -1.27 35.62
CA CYS C 52 20.48 0.19 35.74
C CYS C 52 21.08 0.83 34.49
N GLY C 53 20.40 1.85 33.97
CA GLY C 53 20.82 2.44 32.74
C GLY C 53 21.34 3.86 32.86
N SER C 54 21.37 4.55 31.73
CA SER C 54 21.76 5.93 31.63
C SER C 54 20.94 6.55 30.51
N GLY C 55 21.05 7.82 30.36
CA GLY C 55 20.22 8.37 29.31
C GLY C 55 18.75 8.53 29.67
N LEU C 56 17.94 8.66 28.63
CA LEU C 56 16.54 9.00 28.81
C LEU C 56 15.60 7.82 28.68
N PRO C 57 14.36 7.95 29.15
CA PRO C 57 13.37 6.91 28.89
C PRO C 57 13.11 6.81 27.40
N GLY C 58 12.61 5.66 26.98
CA GLY C 58 12.36 5.47 25.57
C GLY C 58 12.29 4.02 25.20
N LYS C 59 11.94 3.81 23.92
CA LYS C 59 11.78 2.49 23.32
C LYS C 59 12.52 2.57 21.99
N ASN C 60 13.23 1.53 21.70
CA ASN C 60 14.00 1.47 20.48
C ASN C 60 13.94 0.04 19.96
N ASP C 61 13.29 -0.18 18.81
CA ASP C 61 13.17 -1.53 18.27
C ASP C 61 13.85 -1.57 16.89
N ARG C 62 14.54 -2.67 16.60
CA ARG C 62 15.19 -2.77 15.30
C ARG C 62 15.33 -4.20 14.82
N GLY C 63 15.00 -4.38 13.55
CA GLY C 63 15.20 -5.62 12.86
C GLY C 63 16.40 -5.56 11.94
N LEU C 64 17.22 -6.60 11.97
CA LEU C 64 18.45 -6.59 11.18
C LEU C 64 18.45 -7.83 10.30
N ASP C 65 19.13 -7.71 9.15
CA ASP C 65 19.26 -8.80 8.18
C ASP C 65 20.69 -8.90 7.72
N LEU C 66 21.37 -9.98 8.09
CA LEU C 66 22.71 -10.27 7.55
C LEU C 66 22.63 -11.55 6.72
N HIS C 67 22.64 -11.40 5.41
CA HIS C 67 22.51 -12.52 4.45
C HIS C 67 21.57 -13.60 4.95
N GLY C 68 20.43 -13.17 5.43
CA GLY C 68 19.42 -14.10 5.77
C GLY C 68 19.40 -14.48 7.22
N LEU C 69 20.41 -14.10 8.00
CA LEU C 69 20.22 -14.15 9.44
C LEU C 69 19.53 -12.88 9.88
N LEU C 70 18.45 -13.10 10.58
CA LEU C 70 17.59 -12.09 11.12
C LEU C 70 17.92 -11.91 12.59
N ALA C 71 17.97 -10.67 13.00
CA ALA C 71 18.12 -10.34 14.39
C ALA C 71 17.01 -9.36 14.71
N PHE C 72 16.46 -9.47 15.91
CA PHE C 72 15.44 -8.55 16.37
C PHE C 72 15.77 -8.08 17.77
N ILE C 73 15.84 -6.75 17.91
CA ILE C 73 16.31 -6.09 19.12
C ILE C 73 15.21 -5.18 19.64
N GLN C 74 14.95 -5.27 20.94
CA GLN C 74 14.03 -4.37 21.61
C GLN C 74 14.84 -3.83 22.77
N LEU C 75 14.90 -2.52 22.92
CA LEU C 75 15.67 -1.91 24.01
C LEU C 75 14.74 -0.87 24.63
N GLN C 76 14.42 -1.03 25.90
CA GLN C 76 13.45 -0.19 26.59
C GLN C 76 14.10 0.36 27.85
N GLN C 77 13.86 1.67 28.09
CA GLN C 77 14.38 2.36 29.26
C GLN C 77 13.24 3.14 29.89
N CYS C 78 12.92 2.86 31.15
CA CYS C 78 11.87 3.53 31.90
C CYS C 78 12.46 4.37 33.04
N ALA C 79 11.59 5.05 33.79
CA ALA C 79 12.09 5.82 34.92
C ALA C 79 11.46 5.42 36.25
N GLN C 80 10.63 4.38 36.29
CA GLN C 80 10.02 3.89 37.52
C GLN C 80 10.75 2.66 38.05
N ASP C 81 10.44 2.29 39.29
CA ASP C 81 11.18 1.23 39.95
C ASP C 81 10.77 -0.12 39.33
N ARG C 82 11.73 -1.04 39.18
CA ARG C 82 11.45 -2.39 38.68
C ARG C 82 10.53 -2.37 37.47
N CYS C 83 10.81 -1.44 36.57
CA CYS C 83 9.98 -1.28 35.41
C CYS C 83 10.54 -2.08 34.27
N ASN C 84 11.82 -2.45 34.35
CA ASN C 84 12.55 -3.02 33.23
C ASN C 84 12.29 -4.51 33.06
N ALA C 85 11.05 -4.99 33.22
CA ALA C 85 10.68 -6.38 32.92
C ALA C 85 9.41 -6.39 32.07
N LYS C 86 9.41 -5.63 30.98
CA LYS C 86 8.21 -5.53 30.15
C LYS C 86 8.38 -6.21 28.79
N LEU C 87 9.54 -6.78 28.49
CA LEU C 87 9.75 -7.42 27.20
C LEU C 87 9.73 -8.93 27.37
N ASN C 88 9.21 -9.61 26.34
CA ASN C 88 9.16 -11.07 26.07
C ASN C 88 7.82 -11.41 25.40
N PRO C 104 12.45 -28.94 2.78
CA PRO C 104 13.20 -30.09 2.26
C PRO C 104 14.66 -29.63 2.09
N PRO C 105 15.63 -30.50 2.33
CA PRO C 105 17.03 -30.10 2.11
C PRO C 105 17.37 -29.61 0.72
N ASN C 106 18.29 -28.66 0.68
CA ASN C 106 18.97 -28.29 -0.54
C ASN C 106 20.32 -29.00 -0.43
N GLY C 107 21.24 -28.70 -1.33
CA GLY C 107 22.45 -29.52 -1.24
C GLY C 107 23.29 -29.28 0.00
N VAL C 108 23.20 -28.13 0.64
CA VAL C 108 24.20 -27.71 1.61
C VAL C 108 23.87 -28.18 3.02
N GLU C 109 24.94 -28.41 3.76
CA GLU C 109 24.98 -28.73 5.18
C GLU C 109 25.88 -27.71 5.86
N CYS C 110 25.48 -27.21 7.05
CA CYS C 110 26.29 -26.27 7.83
C CYS C 110 26.37 -26.73 9.28
N TYR C 111 27.44 -26.34 9.96
CA TYR C 111 27.45 -26.41 11.41
C TYR C 111 26.48 -25.37 11.97
N SER C 112 25.82 -25.72 13.05
CA SER C 112 24.75 -24.91 13.64
C SER C 112 25.05 -24.67 15.12
N CYS C 113 25.19 -23.40 15.49
CA CYS C 113 25.29 -22.92 16.87
C CYS C 113 24.16 -21.92 17.10
N VAL C 114 23.23 -22.32 17.96
CA VAL C 114 22.01 -21.56 18.18
C VAL C 114 21.68 -21.54 19.67
N GLY C 115 22.63 -21.12 20.48
CA GLY C 115 22.42 -21.09 21.92
C GLY C 115 23.52 -21.73 22.73
N LEU C 116 24.41 -22.45 22.05
CA LEU C 116 25.56 -23.06 22.70
C LEU C 116 26.62 -22.03 23.10
N SER C 117 27.39 -22.39 24.13
CA SER C 117 28.45 -21.57 24.70
C SER C 117 29.67 -21.57 23.79
N ARG C 118 30.61 -20.66 24.06
CA ARG C 118 31.82 -20.69 23.24
C ARG C 118 32.57 -22.01 23.44
N GLU C 119 32.29 -22.71 24.54
CA GLU C 119 32.88 -24.02 24.78
C GLU C 119 32.34 -25.05 23.78
N ALA C 120 31.03 -25.30 23.78
CA ALA C 120 30.50 -26.21 22.78
C ALA C 120 30.81 -25.73 21.37
N CYS C 121 30.45 -24.48 21.06
CA CYS C 121 30.63 -23.98 19.71
C CYS C 121 32.09 -23.75 19.37
N GLN C 122 32.87 -24.81 19.21
CA GLN C 122 34.24 -24.62 18.75
C GLN C 122 34.52 -25.70 17.71
N GLY C 123 35.36 -25.36 16.75
CA GLY C 123 35.77 -26.28 15.71
C GLY C 123 34.66 -27.06 15.03
N THR C 124 34.82 -28.39 14.98
CA THR C 124 33.90 -29.33 14.34
C THR C 124 32.88 -29.92 15.33
N SER C 125 32.88 -29.42 16.57
CA SER C 125 31.98 -29.87 17.64
C SER C 125 30.48 -29.63 17.44
N PRO C 126 30.02 -28.53 16.86
CA PRO C 126 28.56 -28.24 16.84
C PRO C 126 27.79 -29.22 15.99
N PRO C 127 26.47 -29.26 16.16
CA PRO C 127 25.66 -30.14 15.33
C PRO C 127 25.68 -29.69 13.88
N VAL C 128 25.31 -30.59 13.00
CA VAL C 128 25.25 -30.24 11.58
C VAL C 128 23.79 -30.06 11.20
N VAL C 129 23.50 -29.08 10.39
CA VAL C 129 22.14 -28.83 9.95
C VAL C 129 22.09 -28.91 8.43
N SER C 130 20.94 -29.25 7.91
CA SER C 130 20.72 -29.32 6.47
C SER C 130 20.02 -28.04 6.02
N CYS C 131 20.70 -27.24 5.20
CA CYS C 131 20.05 -26.02 4.77
C CYS C 131 18.88 -26.32 3.86
N TYR C 132 18.02 -25.31 3.73
CA TYR C 132 16.85 -25.38 2.87
C TYR C 132 16.54 -23.95 2.45
N ASN C 133 15.67 -23.84 1.47
CA ASN C 133 15.36 -22.62 0.76
C ASN C 133 14.16 -21.96 1.46
N ALA C 134 14.46 -21.48 2.69
CA ALA C 134 13.44 -20.91 3.57
C ALA C 134 12.79 -19.70 2.91
N SER C 135 11.48 -19.66 2.93
CA SER C 135 10.71 -18.56 2.39
C SER C 135 11.04 -18.36 0.92
N ASP C 136 11.37 -19.45 0.23
CA ASP C 136 11.65 -19.44 -1.21
C ASP C 136 12.84 -18.52 -1.55
N HIS C 137 13.79 -18.38 -0.62
CA HIS C 137 15.08 -17.74 -0.82
C HIS C 137 16.13 -18.84 -0.65
N VAL C 138 17.24 -18.72 -1.36
CA VAL C 138 18.25 -19.76 -1.39
C VAL C 138 19.28 -19.55 -0.28
N TYR C 139 19.37 -20.52 0.64
CA TYR C 139 20.32 -20.55 1.76
C TYR C 139 21.39 -21.61 1.43
N LYS C 140 22.47 -21.21 0.73
CA LYS C 140 23.48 -22.20 0.33
C LYS C 140 24.87 -21.87 0.83
N GLY C 141 25.03 -20.91 1.75
CA GLY C 141 26.34 -20.63 2.30
C GLY C 141 26.37 -20.92 3.78
N CYS C 142 27.54 -21.04 4.39
CA CYS C 142 27.56 -21.27 5.82
C CYS C 142 28.16 -20.06 6.50
N PHE C 143 27.68 -19.84 7.72
CA PHE C 143 28.09 -18.69 8.50
C PHE C 143 28.66 -19.07 9.84
N ASP C 144 29.70 -18.32 10.23
CA ASP C 144 30.34 -18.35 11.54
C ASP C 144 30.66 -16.95 12.03
N GLY C 145 30.09 -16.59 13.16
CA GLY C 145 30.38 -15.31 13.72
C GLY C 145 29.88 -15.30 15.12
N ASN C 146 29.65 -14.10 15.64
CA ASN C 146 29.14 -14.01 16.99
C ASN C 146 28.10 -12.86 17.00
N VAL C 147 27.26 -12.87 18.04
CA VAL C 147 26.31 -11.80 18.36
C VAL C 147 26.71 -11.18 19.67
N THR C 148 26.58 -9.87 19.75
CA THR C 148 26.91 -9.18 20.99
C THR C 148 25.79 -8.22 21.33
N LEU C 149 25.47 -8.13 22.62
CA LEU C 149 24.47 -7.17 23.03
C LEU C 149 25.04 -6.52 24.27
N THR C 150 25.09 -5.18 24.29
CA THR C 150 25.64 -4.41 25.41
C THR C 150 24.61 -3.42 25.98
N ALA C 151 24.48 -3.44 27.30
CA ALA C 151 23.55 -2.60 28.04
C ALA C 151 23.87 -2.72 29.52
N ALA C 152 23.49 -1.68 30.27
CA ALA C 152 23.82 -1.58 31.70
C ALA C 152 25.30 -1.76 32.01
N ASN C 153 26.18 -1.23 31.13
CA ASN C 153 27.64 -1.31 31.35
C ASN C 153 28.07 -2.79 31.54
N VAL C 154 27.35 -3.67 30.84
CA VAL C 154 27.63 -5.09 30.73
C VAL C 154 27.52 -5.49 29.25
N THR C 155 28.34 -6.45 28.84
CA THR C 155 28.30 -6.95 27.47
C THR C 155 28.17 -8.47 27.47
N VAL C 156 27.36 -8.95 26.52
CA VAL C 156 27.07 -10.37 26.40
C VAL C 156 27.20 -10.82 24.95
N SER C 157 27.84 -11.98 24.73
CA SER C 157 27.98 -12.43 23.34
C SER C 157 27.98 -13.95 23.31
N LEU C 158 27.50 -14.49 22.20
CA LEU C 158 27.53 -15.92 21.97
C LEU C 158 27.89 -16.13 20.50
N PRO C 159 28.46 -17.28 20.17
CA PRO C 159 28.73 -17.54 18.75
C PRO C 159 27.43 -17.81 18.02
N VAL C 160 27.47 -17.69 16.71
CA VAL C 160 26.34 -17.98 15.82
C VAL C 160 26.85 -18.69 14.56
N ARG C 161 26.15 -19.76 14.20
CA ARG C 161 26.51 -20.56 13.04
C ARG C 161 25.27 -21.10 12.38
N GLY C 162 25.17 -20.98 11.05
CA GLY C 162 24.08 -21.60 10.35
C GLY C 162 24.17 -21.31 8.87
N CYS C 163 23.08 -21.63 8.18
CA CYS C 163 22.97 -21.30 6.79
C CYS C 163 22.63 -19.84 6.59
N VAL C 164 23.15 -19.31 5.47
CA VAL C 164 22.95 -17.94 5.01
C VAL C 164 22.90 -17.95 3.50
N GLN C 165 22.44 -16.83 2.94
CA GLN C 165 22.27 -16.66 1.50
C GLN C 165 23.53 -16.19 0.80
N ASP C 166 24.65 -16.10 1.49
CA ASP C 166 25.89 -15.60 0.90
C ASP C 166 27.01 -16.55 1.29
N GLU C 167 27.84 -16.93 0.31
CA GLU C 167 28.94 -17.84 0.57
C GLU C 167 30.27 -17.13 0.76
N PHE C 168 30.31 -15.82 0.57
CA PHE C 168 31.54 -15.05 0.40
C PHE C 168 31.71 -13.87 1.33
N CYS C 169 30.84 -13.66 2.31
CA CYS C 169 31.14 -12.58 3.25
C CYS C 169 32.34 -12.90 4.13
N THR C 170 33.10 -11.85 4.45
CA THR C 170 34.20 -11.87 5.41
C THR C 170 34.08 -10.68 6.32
N ARG C 171 34.00 -10.95 7.60
CA ARG C 171 33.79 -9.93 8.63
C ARG C 171 32.78 -8.92 8.13
N ASP C 172 31.61 -9.45 7.87
CA ASP C 172 30.48 -8.61 7.60
C ASP C 172 29.78 -8.38 8.94
N GLY C 173 28.93 -7.37 8.99
CA GLY C 173 28.22 -7.18 10.23
C GLY C 173 27.08 -6.23 10.02
N VAL C 174 26.10 -6.34 10.92
CA VAL C 174 25.04 -5.37 11.09
C VAL C 174 25.09 -4.87 12.51
N THR C 175 24.59 -3.63 12.72
CA THR C 175 24.57 -3.03 14.05
C THR C 175 23.19 -2.46 14.42
N GLY C 176 22.87 -2.56 15.70
CA GLY C 176 21.76 -1.88 16.30
C GLY C 176 22.17 -1.28 17.62
N PRO C 177 21.17 -0.77 18.37
CA PRO C 177 21.48 -0.11 19.65
C PRO C 177 22.05 -1.12 20.64
N GLY C 178 23.33 -0.94 20.97
CA GLY C 178 24.05 -1.85 21.83
C GLY C 178 24.16 -3.27 21.31
N PHE C 179 24.04 -3.47 20.00
CA PHE C 179 23.88 -4.82 19.46
C PHE C 179 24.67 -4.94 18.18
N THR C 180 25.39 -6.05 18.04
CA THR C 180 26.09 -6.31 16.79
C THR C 180 25.96 -7.78 16.45
N LEU C 181 25.84 -8.07 15.16
CA LEU C 181 25.87 -9.44 14.68
C LEU C 181 26.88 -9.49 13.53
N SER C 182 27.96 -10.24 13.71
CA SER C 182 29.06 -10.17 12.76
C SER C 182 29.69 -11.54 12.61
N GLY C 183 30.29 -11.75 11.44
CA GLY C 183 31.09 -12.96 11.21
C GLY C 183 31.39 -13.10 9.74
N SER C 184 31.76 -14.31 9.35
CA SER C 184 32.09 -14.52 7.96
C SER C 184 31.30 -15.68 7.41
N CYS C 185 31.23 -15.72 6.09
CA CYS C 185 30.50 -16.72 5.33
C CYS C 185 31.49 -17.58 4.58
N CYS C 186 31.02 -18.73 4.09
CA CYS C 186 31.89 -19.56 3.25
C CYS C 186 31.04 -20.48 2.39
N GLN C 187 31.66 -21.04 1.33
CA GLN C 187 31.02 -21.97 0.41
C GLN C 187 31.43 -23.41 0.73
N GLY C 188 30.52 -24.32 0.41
CA GLY C 188 30.72 -25.75 0.60
C GLY C 188 30.10 -26.18 1.91
N SER C 189 29.72 -27.45 1.96
CA SER C 189 29.12 -27.97 3.17
C SER C 189 30.10 -28.02 4.33
N ARG C 190 29.65 -27.54 5.49
CA ARG C 190 30.48 -27.51 6.70
C ARG C 190 31.82 -26.80 6.52
N CYS C 191 31.86 -25.86 5.58
CA CYS C 191 33.04 -25.01 5.48
C CYS C 191 33.23 -24.25 6.80
N ASN C 192 32.13 -23.87 7.43
CA ASN C 192 32.20 -22.98 8.58
C ASN C 192 32.71 -23.69 9.84
N SER C 193 33.71 -24.55 9.70
CA SER C 193 34.33 -25.20 10.86
C SER C 193 34.89 -24.17 11.84
N ASP C 194 35.53 -23.13 11.30
CA ASP C 194 36.24 -22.14 12.11
C ASP C 194 36.75 -21.08 11.18
N LEU C 195 36.11 -19.90 11.18
CA LEU C 195 36.50 -18.84 10.27
C LEU C 195 36.96 -17.60 11.03
N ARG C 196 37.46 -17.75 12.26
CA ARG C 196 37.95 -16.55 12.93
C ARG C 196 39.18 -15.99 12.29
N ASN C 197 39.89 -16.79 11.58
CA ASN C 197 41.10 -16.28 11.02
C ASN C 197 40.96 -15.83 9.58
N LYS C 198 39.80 -15.98 9.00
CA LYS C 198 39.64 -15.76 7.58
C LYS C 198 39.99 -14.31 7.18
N THR C 199 40.97 -14.21 6.26
CA THR C 199 41.60 -13.03 5.68
C THR C 199 40.71 -12.39 4.61
N TYR C 200 41.13 -11.22 4.11
CA TYR C 200 40.46 -10.58 2.97
C TYR C 200 41.49 -10.28 1.89
C1 NAG D . 33.18 -14.11 17.16
C2 NAG D . 34.31 -14.10 16.05
C3 NAG D . 35.69 -14.26 16.66
C4 NAG D . 35.81 -13.38 17.89
C5 NAG D . 34.97 -13.99 18.99
C6 NAG D . 34.60 -13.03 20.09
C7 NAG D . 34.29 -14.88 13.74
C8 NAG D . 34.09 -16.06 12.84
N2 NAG D . 34.11 -15.12 15.04
O3 NAG D . 36.67 -13.87 15.70
O4 NAG D . 37.18 -13.14 18.24
O5 NAG D . 33.74 -14.56 18.47
O6 NAG D . 35.12 -13.53 21.31
O7 NAG D . 34.59 -13.76 13.31
C1 NAG D . 38.11 -14.14 18.71
C2 NAG D . 39.17 -13.31 19.50
C3 NAG D . 40.08 -14.21 20.35
C4 NAG D . 39.26 -15.19 21.17
C5 NAG D . 38.40 -15.99 20.22
C6 NAG D . 37.53 -17.02 20.90
C7 NAG D . 41.05 -11.79 18.88
C8 NAG D . 41.69 -11.05 17.76
N2 NAG D . 39.96 -12.51 18.56
O3 NAG D . 40.86 -13.40 21.22
O4 NAG D . 40.12 -16.05 21.90
O5 NAG D . 37.51 -15.09 19.57
O6 NAG D . 38.05 -17.37 22.18
O7 NAG D . 41.49 -11.73 20.03
C1 NAG E . 45.47 -16.77 13.07
C2 NAG E . 45.93 -17.98 13.91
C3 NAG E . 47.07 -17.59 14.88
C4 NAG E . 48.22 -16.94 14.11
C5 NAG E . 47.66 -15.89 13.10
C6 NAG E . 48.66 -15.28 12.11
C7 NAG E . 44.16 -19.71 14.02
C8 NAG E . 43.11 -20.32 14.85
N2 NAG E . 44.82 -18.69 14.58
O3 NAG E . 47.49 -18.67 15.74
O4 NAG E . 49.09 -16.21 14.98
O5 NAG E . 46.51 -16.31 12.35
O6 NAG E . 48.95 -16.12 11.00
O7 NAG E . 44.40 -20.12 12.85
C1 NAG F . 14.85 -24.00 -3.36
C2 NAG F . 14.80 -24.08 -4.89
C3 NAG F . 13.41 -24.50 -5.30
C4 NAG F . 13.18 -25.92 -4.79
C5 NAG F . 13.25 -25.95 -3.27
C6 NAG F . 13.33 -27.37 -2.77
C7 NAG F . 16.36 -22.53 -6.01
C8 NAG F . 16.50 -21.19 -6.66
N2 NAG F . 15.14 -22.82 -5.53
O3 NAG F . 13.28 -24.44 -6.71
O4 NAG F . 11.91 -26.40 -5.25
O5 NAG F . 14.44 -25.31 -2.79
O6 NAG F . 14.56 -27.95 -3.16
O7 NAG F . 17.30 -23.33 -5.92
#